data_1AII
#
_entry.id   1AII
#
_cell.length_a   42.290
_cell.length_b   68.720
_cell.length_c   50.590
_cell.angle_alpha   90.00
_cell.angle_beta   94.27
_cell.angle_gamma   90.00
#
_symmetry.space_group_name_H-M   'P 1 21 1'
#
loop_
_entity.id
_entity.type
_entity.pdbx_description
1 polymer 'ANNEXIN III'
2 non-polymer 'CALCIUM ION'
3 non-polymer 'SULFATE ION'
4 non-polymer ETHANOLAMINE
5 water water
#
_entity_poly.entity_id   1
_entity_poly.type   'polypeptide(L)'
_entity_poly.pdbx_seq_one_letter_code
;MASIWVGHRGTVRDYPDFSPSVDAEAIQKAIRGIGTDEKMLISILTERSNAQRQLIVKEYQAAYGKELKDDLKGDLSGHF
EHLMVALVTPPAVFDAKQLKKSMKGAGTNEDALIEILTTRTSRQMKDISQAYYTVYKKSLGDDISSETSGDFRKALLTLA
DGRRDESLKVDEHLAKQDAQILYKAGENRWGTDEDKFTEILCLRSFPQLKLTFDEYRNISQKDIVDSIKGELSGHFEDLL
LAIVNCVRNTPAFLAERLHRALKGIGTDEFTLNRIMVSRSEIDLLDIRTEFKKHYGYSLYSAIKSDTSGDYEITLLKICG
GDD
;
_entity_poly.pdbx_strand_id   A
#
loop_
_chem_comp.id
_chem_comp.type
_chem_comp.name
_chem_comp.formula
CA non-polymer 'CALCIUM ION' 'Ca 2'
SO4 non-polymer 'SULFATE ION' 'O4 S -2'
#
# COMPACT_ATOMS: atom_id res chain seq x y z
N ALA A 2 13.73 -14.71 5.95
CA ALA A 2 12.88 -14.34 4.83
C ALA A 2 12.25 -12.97 5.07
N SER A 3 12.25 -12.20 4.01
CA SER A 3 11.78 -10.86 3.82
C SER A 3 10.54 -10.37 4.53
N ILE A 4 10.59 -9.08 4.88
CA ILE A 4 9.52 -8.35 5.55
C ILE A 4 8.46 -7.87 4.56
N TRP A 5 8.75 -8.06 3.28
CA TRP A 5 7.89 -7.68 2.17
C TRP A 5 7.06 -8.82 1.63
N VAL A 6 7.17 -9.99 2.23
CA VAL A 6 6.41 -11.17 1.83
C VAL A 6 5.53 -11.58 2.99
N GLY A 7 4.24 -11.79 2.75
CA GLY A 7 3.28 -12.19 3.76
C GLY A 7 2.74 -13.59 3.51
N HIS A 8 1.75 -14.00 4.28
CA HIS A 8 1.16 -15.33 4.14
C HIS A 8 -0.03 -15.41 3.20
N ARG A 9 -0.56 -14.30 2.69
CA ARG A 9 -1.73 -14.42 1.83
C ARG A 9 -1.63 -13.70 0.49
N GLY A 10 -0.48 -13.81 -0.17
CA GLY A 10 -0.28 -13.18 -1.47
C GLY A 10 -0.85 -14.08 -2.58
N THR A 11 -1.03 -13.50 -3.76
CA THR A 11 -1.54 -14.22 -4.91
C THR A 11 -0.39 -14.58 -5.87
N VAL A 12 0.77 -13.96 -5.68
CA VAL A 12 1.98 -14.17 -6.46
C VAL A 12 3.02 -14.84 -5.55
N ARG A 13 3.52 -16.00 -5.97
CA ARG A 13 4.51 -16.78 -5.25
C ARG A 13 5.69 -17.14 -6.15
N ASP A 14 6.80 -17.61 -5.52
CA ASP A 14 7.95 -18.03 -6.31
C ASP A 14 7.59 -19.13 -7.30
N TYR A 15 8.16 -19.04 -8.50
CA TYR A 15 7.98 -20.06 -9.53
C TYR A 15 9.11 -21.08 -9.36
N PRO A 16 8.78 -22.33 -9.02
CA PRO A 16 9.79 -23.37 -8.77
C PRO A 16 10.66 -23.59 -9.99
N ASP A 17 10.16 -23.57 -11.21
CA ASP A 17 11.03 -23.84 -12.37
C ASP A 17 11.72 -22.63 -12.98
N PHE A 18 11.79 -21.56 -12.22
CA PHE A 18 12.42 -20.32 -12.60
C PHE A 18 13.87 -20.46 -13.02
N SER A 19 14.20 -19.78 -14.10
CA SER A 19 15.53 -19.75 -14.65
C SER A 19 15.77 -18.34 -15.16
N PRO A 20 16.53 -17.54 -14.44
CA PRO A 20 16.79 -16.18 -14.84
C PRO A 20 17.34 -15.95 -16.23
N SER A 21 18.29 -16.76 -16.69
CA SER A 21 18.85 -16.56 -18.04
C SER A 21 17.81 -16.89 -19.10
N VAL A 22 16.95 -17.85 -18.85
CA VAL A 22 15.89 -18.26 -19.77
C VAL A 22 14.89 -17.11 -19.88
N ASP A 23 14.47 -16.58 -18.73
CA ASP A 23 13.51 -15.46 -18.71
C ASP A 23 14.08 -14.20 -19.33
N ALA A 24 15.33 -13.82 -18.99
CA ALA A 24 15.90 -12.62 -19.56
C ALA A 24 16.04 -12.72 -21.08
N GLU A 25 16.32 -13.91 -21.58
CA GLU A 25 16.47 -14.11 -23.02
C GLU A 25 15.10 -13.97 -23.69
N ALA A 26 14.07 -14.54 -23.08
CA ALA A 26 12.72 -14.46 -23.61
C ALA A 26 12.23 -13.00 -23.59
N ILE A 27 12.49 -12.24 -22.54
CA ILE A 27 12.08 -10.84 -22.44
C ILE A 27 12.84 -10.03 -23.50
N GLN A 28 14.16 -10.27 -23.68
CA GLN A 28 14.90 -9.50 -24.66
C GLN A 28 14.35 -9.74 -26.06
N LYS A 29 13.99 -10.97 -26.38
CA LYS A 29 13.42 -11.28 -27.69
C LYS A 29 12.09 -10.57 -27.90
N ALA A 30 11.20 -10.59 -26.93
CA ALA A 30 9.91 -9.97 -27.00
C ALA A 30 9.94 -8.45 -27.16
N ILE A 31 10.97 -7.76 -26.71
CA ILE A 31 10.93 -6.30 -26.86
C ILE A 31 11.84 -5.81 -27.97
N ARG A 32 12.77 -6.57 -28.48
CA ARG A 32 13.75 -6.14 -29.47
C ARG A 32 13.14 -6.10 -30.87
N GLY A 33 13.59 -5.15 -31.69
CA GLY A 33 13.11 -4.97 -33.07
C GLY A 33 11.73 -4.33 -33.13
N ILE A 34 11.03 -4.28 -34.24
CA ILE A 34 9.71 -3.66 -34.33
C ILE A 34 8.65 -4.53 -33.67
N GLY A 35 7.60 -3.92 -33.10
CA GLY A 35 6.57 -4.76 -32.44
C GLY A 35 7.07 -5.26 -31.09
N THR A 36 6.10 -5.55 -30.23
CA THR A 36 6.37 -6.04 -28.90
C THR A 36 5.46 -7.24 -28.68
N ASP A 37 6.04 -8.25 -28.06
CA ASP A 37 5.23 -9.45 -27.77
C ASP A 37 4.81 -9.22 -26.30
N GLU A 38 3.72 -8.47 -26.08
CA GLU A 38 3.29 -8.19 -24.72
C GLU A 38 2.81 -9.43 -23.98
N LYS A 39 2.16 -10.35 -24.67
CA LYS A 39 1.67 -11.57 -24.03
C LYS A 39 2.83 -12.34 -23.41
N MET A 40 4.00 -12.19 -24.02
CA MET A 40 5.19 -12.86 -23.50
C MET A 40 5.65 -12.15 -22.22
N LEU A 41 5.80 -10.83 -22.27
CA LEU A 41 6.22 -10.10 -21.08
C LEU A 41 5.26 -10.38 -19.93
N ILE A 42 3.97 -10.38 -20.24
CA ILE A 42 2.93 -10.62 -19.25
C ILE A 42 3.01 -12.02 -18.67
N SER A 43 3.15 -13.02 -19.54
CA SER A 43 3.21 -14.41 -19.10
C SER A 43 4.40 -14.70 -18.18
N ILE A 44 5.51 -14.02 -18.33
CA ILE A 44 6.68 -14.20 -17.51
C ILE A 44 6.67 -13.38 -16.23
N LEU A 45 6.63 -12.06 -16.36
CA LEU A 45 6.66 -11.15 -15.21
C LEU A 45 5.57 -11.34 -14.20
N THR A 46 4.32 -11.61 -14.60
CA THR A 46 3.27 -11.80 -13.61
C THR A 46 3.32 -13.21 -13.02
N GLU A 47 4.23 -14.07 -13.51
CA GLU A 47 4.29 -15.42 -12.97
C GLU A 47 5.60 -15.68 -12.25
N ARG A 48 6.26 -14.62 -11.85
CA ARG A 48 7.51 -14.66 -11.11
C ARG A 48 7.29 -13.76 -9.88
N SER A 49 7.84 -14.10 -8.73
CA SER A 49 7.68 -13.24 -7.54
C SER A 49 8.60 -12.06 -7.71
N ASN A 50 8.49 -11.01 -6.90
CA ASN A 50 9.39 -9.86 -7.04
C ASN A 50 10.85 -10.28 -6.88
N ALA A 51 11.16 -11.17 -5.95
CA ALA A 51 12.54 -11.62 -5.74
C ALA A 51 13.11 -12.23 -7.01
N GLN A 52 12.31 -13.02 -7.70
CA GLN A 52 12.81 -13.63 -8.97
C GLN A 52 12.98 -12.57 -10.03
N ARG A 53 12.05 -11.59 -10.10
CA ARG A 53 12.13 -10.53 -11.09
C ARG A 53 13.43 -9.77 -10.92
N GLN A 54 13.86 -9.59 -9.64
CA GLN A 54 15.12 -8.87 -9.44
C GLN A 54 16.29 -9.66 -9.99
N LEU A 55 16.15 -10.99 -10.00
CA LEU A 55 17.19 -11.83 -10.55
C LEU A 55 17.16 -11.73 -12.07
N ILE A 56 15.96 -11.53 -12.63
CA ILE A 56 15.83 -11.33 -14.07
C ILE A 56 16.51 -10.02 -14.45
N VAL A 57 16.28 -9.00 -13.61
CA VAL A 57 16.87 -7.69 -13.80
C VAL A 57 18.40 -7.76 -13.81
N LYS A 58 18.98 -8.41 -12.79
CA LYS A 58 20.45 -8.56 -12.70
C LYS A 58 20.97 -9.33 -13.90
N GLU A 59 20.31 -10.39 -14.33
CA GLU A 59 20.69 -11.20 -15.49
C GLU A 59 20.52 -10.48 -16.83
N TYR A 60 19.63 -9.50 -16.97
CA TYR A 60 19.42 -8.74 -18.19
C TYR A 60 20.45 -7.64 -18.38
N GLN A 61 20.95 -7.01 -17.31
CA GLN A 61 21.96 -5.96 -17.38
C GLN A 61 23.37 -6.47 -17.77
N ALA A 62 23.64 -7.70 -17.39
CA ALA A 62 24.86 -8.45 -17.58
C ALA A 62 25.04 -8.92 -19.03
N ALA A 63 24.01 -9.60 -19.50
CA ALA A 63 23.91 -10.17 -20.83
C ALA A 63 23.51 -9.16 -21.91
N TYR A 64 22.80 -8.07 -21.62
CA TYR A 64 22.44 -7.14 -22.70
C TYR A 64 22.90 -5.73 -22.51
N GLY A 65 23.57 -5.44 -21.40
CA GLY A 65 24.08 -4.10 -21.11
C GLY A 65 23.01 -3.02 -21.05
N LYS A 66 21.80 -3.45 -20.70
CA LYS A 66 20.65 -2.56 -20.60
C LYS A 66 19.88 -2.76 -19.29
N GLU A 67 19.20 -1.72 -18.83
CA GLU A 67 18.40 -1.90 -17.59
C GLU A 67 17.03 -2.34 -18.09
N LEU A 68 16.46 -3.45 -17.66
CA LEU A 68 15.15 -3.93 -18.12
C LEU A 68 14.08 -2.85 -18.01
N LYS A 69 14.11 -2.06 -16.94
CA LYS A 69 13.19 -0.97 -16.68
C LYS A 69 13.15 0.00 -17.86
N ASP A 70 14.30 0.36 -18.42
CA ASP A 70 14.41 1.26 -19.56
C ASP A 70 13.92 0.61 -20.86
N ASP A 71 14.14 -0.70 -21.01
CA ASP A 71 13.68 -1.40 -22.20
C ASP A 71 12.16 -1.38 -22.12
N LEU A 72 11.61 -1.71 -20.96
CA LEU A 72 10.16 -1.71 -20.75
C LEU A 72 9.58 -0.33 -21.03
N LYS A 73 10.14 0.74 -20.48
CA LYS A 73 9.67 2.09 -20.68
C LYS A 73 9.79 2.64 -22.10
N GLY A 74 10.77 2.22 -22.89
CA GLY A 74 10.94 2.72 -24.25
C GLY A 74 10.03 2.05 -25.26
N ASP A 75 9.61 0.85 -24.90
CA ASP A 75 8.75 0.04 -25.73
C ASP A 75 7.27 0.05 -25.39
N LEU A 76 6.98 0.09 -24.08
CA LEU A 76 5.60 0.09 -23.64
C LEU A 76 5.08 1.51 -23.38
N SER A 77 3.77 1.60 -23.34
CA SER A 77 3.03 2.82 -23.11
C SER A 77 1.80 2.61 -22.21
N GLY A 78 1.35 3.77 -21.75
CA GLY A 78 0.20 3.92 -20.91
C GLY A 78 0.21 3.20 -19.57
N HIS A 79 -0.99 2.77 -19.18
CA HIS A 79 -1.14 2.09 -17.91
C HIS A 79 -0.41 0.75 -17.88
N PHE A 80 -0.35 0.06 -18.99
CA PHE A 80 0.36 -1.23 -19.05
C PHE A 80 1.83 -1.03 -18.72
N GLU A 81 2.44 -0.02 -19.33
CA GLU A 81 3.82 0.34 -19.10
C GLU A 81 4.08 0.58 -17.61
N HIS A 82 3.27 1.41 -16.94
CA HIS A 82 3.40 1.73 -15.53
C HIS A 82 3.33 0.47 -14.65
N LEU A 83 2.33 -0.35 -14.96
CA LEU A 83 2.12 -1.58 -14.23
C LEU A 83 3.30 -2.51 -14.43
N MET A 84 3.82 -2.62 -15.64
CA MET A 84 4.96 -3.51 -15.91
C MET A 84 6.20 -3.02 -15.21
N VAL A 85 6.44 -1.72 -15.20
CA VAL A 85 7.60 -1.12 -14.55
C VAL A 85 7.42 -1.28 -13.04
N ALA A 86 6.21 -1.17 -12.50
CA ALA A 86 5.93 -1.34 -11.09
C ALA A 86 6.30 -2.74 -10.62
N LEU A 87 6.02 -3.77 -11.44
CA LEU A 87 6.34 -5.14 -11.09
C LEU A 87 7.83 -5.43 -10.95
N VAL A 88 8.68 -4.76 -11.72
CA VAL A 88 10.11 -5.01 -11.63
C VAL A 88 10.86 -4.08 -10.68
N THR A 89 10.15 -3.25 -9.91
CA THR A 89 10.74 -2.33 -8.94
C THR A 89 10.79 -2.97 -7.56
N PRO A 90 11.90 -2.90 -6.83
CA PRO A 90 11.99 -3.49 -5.49
C PRO A 90 10.86 -2.89 -4.66
N PRO A 91 10.21 -3.62 -3.77
CA PRO A 91 9.11 -3.14 -2.98
C PRO A 91 9.32 -1.88 -2.16
N ALA A 92 10.47 -1.75 -1.51
CA ALA A 92 10.73 -0.56 -0.70
C ALA A 92 10.86 0.63 -1.63
N VAL A 93 11.50 0.38 -2.79
CA VAL A 93 11.69 1.47 -3.76
C VAL A 93 10.38 1.89 -4.38
N PHE A 94 9.49 0.95 -4.69
CA PHE A 94 8.20 1.24 -5.27
C PHE A 94 7.38 2.12 -4.31
N ASP A 95 7.34 1.75 -3.03
CA ASP A 95 6.56 2.55 -2.08
C ASP A 95 7.18 3.94 -2.01
N ALA A 96 8.49 4.07 -2.00
CA ALA A 96 9.17 5.34 -1.94
C ALA A 96 8.78 6.20 -3.15
N LYS A 97 8.79 5.59 -4.33
CA LYS A 97 8.42 6.28 -5.55
C LYS A 97 6.94 6.67 -5.49
N GLN A 98 6.11 5.81 -4.93
CA GLN A 98 4.68 6.10 -4.80
C GLN A 98 4.42 7.24 -3.82
N LEU A 99 5.22 7.37 -2.76
CA LEU A 99 5.12 8.42 -1.76
C LEU A 99 5.55 9.74 -2.40
N LYS A 100 6.65 9.74 -3.15
CA LYS A 100 7.17 10.93 -3.83
C LYS A 100 6.20 11.39 -4.89
N LYS A 101 5.61 10.51 -5.67
CA LYS A 101 4.65 10.81 -6.71
C LYS A 101 3.41 11.49 -6.10
N SER A 102 3.02 11.10 -4.90
CA SER A 102 1.88 11.64 -4.18
C SER A 102 2.04 13.08 -3.69
N MET A 103 3.26 13.60 -3.70
CA MET A 103 3.60 14.94 -3.28
C MET A 103 4.30 15.75 -4.36
N LYS A 104 4.08 15.49 -5.65
CA LYS A 104 4.74 16.24 -6.71
C LYS A 104 3.76 17.14 -7.48
N GLY A 105 4.27 18.31 -7.85
CA GLY A 105 3.46 19.27 -8.60
C GLY A 105 2.73 20.24 -7.65
N ALA A 106 1.67 20.87 -8.13
CA ALA A 106 0.93 21.80 -7.28
C ALA A 106 0.07 21.02 -6.27
N GLY A 107 -0.63 20.00 -6.77
CA GLY A 107 -1.48 19.17 -5.94
C GLY A 107 -0.74 18.40 -4.87
N THR A 108 -1.41 17.45 -4.23
CA THR A 108 -0.87 16.60 -3.18
C THR A 108 -1.92 15.49 -3.08
N ASN A 109 -1.49 14.23 -3.11
CA ASN A 109 -2.51 13.18 -3.00
C ASN A 109 -2.47 12.68 -1.56
N GLU A 110 -3.31 13.27 -0.71
CA GLU A 110 -3.38 12.92 0.69
C GLU A 110 -3.87 11.49 0.88
N ASP A 111 -4.78 11.03 0.02
CA ASP A 111 -5.33 9.68 0.09
C ASP A 111 -4.27 8.59 -0.08
N ALA A 112 -3.34 8.79 -1.01
CA ALA A 112 -2.27 7.81 -1.24
C ALA A 112 -1.34 7.85 -0.04
N LEU A 113 -1.06 9.06 0.45
CA LEU A 113 -0.18 9.22 1.61
C LEU A 113 -0.74 8.46 2.80
N ILE A 114 -2.05 8.61 2.98
CA ILE A 114 -2.77 7.97 4.07
C ILE A 114 -2.72 6.45 3.87
N GLU A 115 -3.08 5.99 2.67
CA GLU A 115 -3.07 4.55 2.38
C GLU A 115 -1.73 3.88 2.68
N ILE A 116 -0.66 4.44 2.17
CA ILE A 116 0.66 3.84 2.41
C ILE A 116 1.14 3.90 3.84
N LEU A 117 1.15 5.09 4.43
CA LEU A 117 1.66 5.21 5.80
C LEU A 117 0.85 4.47 6.82
N THR A 118 -0.41 4.18 6.57
CA THR A 118 -1.20 3.44 7.55
C THR A 118 -1.17 1.93 7.35
N THR A 119 -0.90 1.45 6.13
CA THR A 119 -0.89 0.00 5.92
C THR A 119 0.48 -0.64 6.01
N ARG A 120 1.58 0.09 5.97
CA ARG A 120 2.90 -0.54 6.05
C ARG A 120 3.30 -0.75 7.50
N THR A 121 3.94 -1.87 7.80
CA THR A 121 4.36 -2.17 9.17
C THR A 121 5.55 -1.28 9.51
N SER A 122 6.00 -1.32 10.77
CA SER A 122 7.11 -0.50 11.21
C SER A 122 8.41 -0.85 10.49
N ARG A 123 8.67 -2.13 10.32
CA ARG A 123 9.92 -2.53 9.62
C ARG A 123 9.87 -2.10 8.17
N GLN A 124 8.71 -2.15 7.52
CA GLN A 124 8.55 -1.72 6.14
C GLN A 124 8.80 -0.21 6.02
N MET A 125 8.27 0.60 6.93
CA MET A 125 8.47 2.03 6.92
C MET A 125 9.93 2.44 7.07
N LYS A 126 10.68 1.66 7.85
CA LYS A 126 12.12 1.94 8.05
C LYS A 126 12.81 1.71 6.69
N ASP A 127 12.42 0.63 6.02
CA ASP A 127 12.97 0.32 4.71
C ASP A 127 12.64 1.42 3.70
N ILE A 128 11.37 1.84 3.67
CA ILE A 128 10.91 2.88 2.75
C ILE A 128 11.67 4.17 3.03
N SER A 129 11.80 4.56 4.31
CA SER A 129 12.50 5.80 4.66
C SER A 129 13.94 5.73 4.16
N GLN A 130 14.60 4.59 4.34
CA GLN A 130 15.98 4.40 3.88
C GLN A 130 16.05 4.51 2.36
N ALA A 131 15.15 3.85 1.64
CA ALA A 131 15.17 3.91 0.17
C ALA A 131 14.88 5.30 -0.37
N TYR A 132 13.93 5.98 0.28
CA TYR A 132 13.53 7.33 -0.14
C TYR A 132 14.75 8.25 -0.08
N TYR A 133 15.42 8.15 1.06
CA TYR A 133 16.61 8.94 1.31
C TYR A 133 17.69 8.62 0.29
N THR A 134 17.86 7.32 -0.02
CA THR A 134 18.87 6.90 -0.99
C THR A 134 18.60 7.40 -2.40
N VAL A 135 17.39 7.19 -2.86
CA VAL A 135 16.98 7.62 -4.19
C VAL A 135 16.72 9.10 -4.37
N TYR A 136 16.11 9.80 -3.41
CA TYR A 136 15.84 11.23 -3.61
C TYR A 136 16.79 12.19 -2.92
N LYS A 137 17.62 11.68 -2.04
CA LYS A 137 18.58 12.49 -1.30
C LYS A 137 17.99 13.60 -0.45
N LYS A 138 16.80 13.36 0.08
CA LYS A 138 16.02 14.20 0.96
C LYS A 138 15.28 13.20 1.87
N SER A 139 15.09 13.52 3.16
CA SER A 139 14.40 12.55 4.01
C SER A 139 12.91 12.58 3.69
N LEU A 140 12.22 11.46 3.96
CA LEU A 140 10.78 11.37 3.70
C LEU A 140 10.08 12.41 4.59
N GLY A 141 10.51 12.55 5.84
CA GLY A 141 9.95 13.50 6.80
C GLY A 141 9.95 14.90 6.24
N ASP A 142 11.08 15.33 5.68
CA ASP A 142 11.25 16.64 5.10
C ASP A 142 10.30 16.86 3.92
N ASP A 143 10.15 15.86 3.03
CA ASP A 143 9.23 16.10 1.93
C ASP A 143 7.80 16.11 2.46
N ILE A 144 7.48 15.22 3.40
CA ILE A 144 6.11 15.17 3.93
C ILE A 144 5.76 16.53 4.56
N SER A 145 6.73 17.03 5.28
CA SER A 145 6.68 18.31 5.99
C SER A 145 6.40 19.51 5.09
N SER A 146 7.02 19.53 3.90
CA SER A 146 6.87 20.59 2.93
C SER A 146 5.58 20.55 2.14
N GLU A 147 4.80 19.49 2.25
CA GLU A 147 3.57 19.38 1.48
C GLU A 147 2.30 19.30 2.31
N THR A 148 2.48 19.29 3.62
CA THR A 148 1.35 19.20 4.55
C THR A 148 1.48 20.22 5.69
N SER A 149 0.41 20.33 6.45
CA SER A 149 0.41 21.28 7.58
C SER A 149 -0.41 20.73 8.73
N GLY A 150 -0.39 21.45 9.85
CA GLY A 150 -1.12 21.12 11.05
C GLY A 150 -1.05 19.76 11.67
N ASP A 151 -2.16 19.26 12.20
CA ASP A 151 -2.21 17.95 12.84
C ASP A 151 -1.98 16.79 11.86
N PHE A 152 -2.39 16.98 10.62
CA PHE A 152 -2.20 15.94 9.60
C PHE A 152 -0.70 15.72 9.43
N ARG A 153 0.08 16.83 9.29
CA ARG A 153 1.53 16.82 9.13
C ARG A 153 2.20 16.10 10.30
N LYS A 154 1.81 16.44 11.53
CA LYS A 154 2.40 15.84 12.73
C LYS A 154 2.15 14.34 12.81
N ALA A 155 0.95 13.92 12.42
CA ALA A 155 0.59 12.50 12.46
C ALA A 155 1.28 11.72 11.34
N LEU A 156 1.48 12.36 10.19
CA LEU A 156 2.18 11.67 9.09
C LEU A 156 3.65 11.54 9.46
N LEU A 157 4.23 12.61 10.01
CA LEU A 157 5.64 12.51 10.40
C LEU A 157 5.81 11.47 11.49
N THR A 158 4.83 11.31 12.36
CA THR A 158 4.93 10.33 13.43
C THR A 158 4.95 8.95 12.76
N LEU A 159 4.06 8.72 11.80
CA LEU A 159 3.97 7.46 11.08
C LEU A 159 5.20 7.19 10.23
N ALA A 160 5.75 8.15 9.54
CA ALA A 160 6.92 7.99 8.69
C ALA A 160 8.17 7.54 9.45
N ASP A 161 8.18 7.68 10.77
CA ASP A 161 9.31 7.28 11.59
C ASP A 161 9.32 5.78 11.89
N GLY A 162 8.24 5.08 11.66
CA GLY A 162 8.10 3.67 11.90
C GLY A 162 8.39 3.29 13.35
N ARG A 163 7.87 4.06 14.31
CA ARG A 163 8.13 3.72 15.72
C ARG A 163 6.92 3.09 16.37
N ARG A 164 5.94 2.66 15.57
CA ARG A 164 4.77 2.01 16.17
C ARG A 164 5.28 0.77 16.91
N ASP A 165 4.89 0.57 18.15
CA ASP A 165 5.28 -0.56 18.96
C ASP A 165 5.17 -1.88 18.19
N GLU A 166 6.23 -2.67 18.10
CA GLU A 166 6.22 -3.95 17.39
C GLU A 166 5.92 -5.17 18.24
N SER A 167 5.80 -5.00 19.55
CA SER A 167 5.53 -6.05 20.51
C SER A 167 4.26 -6.80 20.13
N LEU A 168 4.17 -8.02 20.57
CA LEU A 168 3.07 -8.93 20.29
C LEU A 168 2.15 -9.07 21.50
N LYS A 169 2.51 -8.37 22.56
CA LYS A 169 1.75 -8.41 23.80
C LYS A 169 0.52 -7.50 23.78
N VAL A 170 -0.51 -7.90 24.51
CA VAL A 170 -1.68 -7.05 24.71
C VAL A 170 -1.84 -6.84 26.21
N ASP A 171 -1.94 -5.59 26.61
CA ASP A 171 -2.03 -5.24 28.02
C ASP A 171 -3.40 -4.66 28.34
N GLU A 172 -4.21 -5.44 29.05
CA GLU A 172 -5.55 -5.01 29.41
C GLU A 172 -5.52 -3.68 30.16
N HIS A 173 -4.62 -3.56 31.09
CA HIS A 173 -4.44 -2.38 31.91
C HIS A 173 -4.12 -1.14 31.09
N LEU A 174 -3.18 -1.21 30.16
CA LEU A 174 -2.82 -0.09 29.31
C LEU A 174 -3.99 0.27 28.39
N ALA A 175 -4.77 -0.68 27.88
CA ALA A 175 -5.90 -0.45 27.01
C ALA A 175 -6.99 0.41 27.67
N LYS A 176 -7.28 0.09 28.92
CA LYS A 176 -8.27 0.81 29.71
C LYS A 176 -7.76 2.23 29.98
N GLN A 177 -6.49 2.36 30.33
CA GLN A 177 -5.91 3.67 30.60
C GLN A 177 -5.94 4.58 29.38
N ASP A 178 -5.59 4.07 28.20
CA ASP A 178 -5.56 4.80 26.95
C ASP A 178 -6.99 5.11 26.50
N ALA A 179 -7.94 4.21 26.75
CA ALA A 179 -9.32 4.47 26.35
C ALA A 179 -9.80 5.70 27.15
N GLN A 180 -9.44 5.74 28.44
CA GLN A 180 -9.78 6.85 29.32
C GLN A 180 -9.10 8.12 28.84
N ILE A 181 -7.84 8.09 28.44
CA ILE A 181 -7.15 9.27 27.93
C ILE A 181 -7.78 9.75 26.61
N LEU A 182 -8.22 8.83 25.74
CA LEU A 182 -8.85 9.23 24.48
C LEU A 182 -10.14 9.99 24.80
N TYR A 183 -10.91 9.45 25.73
CA TYR A 183 -12.19 10.05 26.16
C TYR A 183 -11.95 11.45 26.71
N LYS A 184 -10.97 11.66 27.56
CA LYS A 184 -10.66 12.94 28.16
C LYS A 184 -10.11 13.92 27.12
N ALA A 185 -9.40 13.38 26.12
CA ALA A 185 -8.79 14.18 25.08
C ALA A 185 -9.73 14.74 24.02
N GLY A 186 -10.90 14.13 23.90
CA GLY A 186 -11.91 14.47 22.95
C GLY A 186 -13.28 14.67 23.55
N GLU A 187 -14.16 13.72 23.61
CA GLU A 187 -15.49 13.83 24.14
C GLU A 187 -15.65 14.62 25.42
N ASN A 188 -14.82 14.35 26.41
CA ASN A 188 -14.93 15.03 27.69
C ASN A 188 -14.43 16.45 27.78
N ARG A 189 -13.89 17.09 26.77
CA ARG A 189 -13.45 18.47 26.98
C ARG A 189 -13.88 19.39 25.87
N TRP A 190 -13.78 20.70 26.02
CA TRP A 190 -14.14 21.60 24.93
C TRP A 190 -12.96 21.46 23.95
N GLY A 191 -13.19 21.44 22.63
CA GLY A 191 -12.01 21.26 21.81
C GLY A 191 -11.50 19.84 21.84
N THR A 192 -10.28 19.63 21.39
CA THR A 192 -9.69 18.29 21.36
C THR A 192 -8.18 18.33 21.56
N ASP A 193 -7.66 17.35 22.28
CA ASP A 193 -6.21 17.25 22.40
C ASP A 193 -5.72 16.34 21.28
N GLU A 194 -5.67 16.91 20.08
CA GLU A 194 -5.28 16.15 18.89
C GLU A 194 -3.97 15.40 19.09
N ASP A 195 -2.97 15.95 19.79
CA ASP A 195 -1.69 15.31 20.00
C ASP A 195 -1.84 13.96 20.70
N LYS A 196 -2.81 13.84 21.59
CA LYS A 196 -3.05 12.63 22.33
C LYS A 196 -3.64 11.56 21.38
N PHE A 197 -4.52 12.00 20.47
CA PHE A 197 -5.13 11.08 19.52
C PHE A 197 -4.02 10.49 18.65
N THR A 198 -3.17 11.40 18.18
CA THR A 198 -2.05 11.06 17.33
C THR A 198 -1.12 10.13 18.09
N GLU A 199 -0.67 10.51 19.28
CA GLU A 199 0.22 9.62 20.04
C GLU A 199 -0.32 8.21 20.25
N ILE A 200 -1.53 7.99 20.74
CA ILE A 200 -2.04 6.64 20.95
C ILE A 200 -2.31 5.87 19.67
N LEU A 201 -3.01 6.46 18.72
CA LEU A 201 -3.37 5.82 17.47
C LEU A 201 -2.20 5.51 16.56
N CYS A 202 -1.11 6.24 16.64
CA CYS A 202 0.07 6.00 15.83
C CYS A 202 1.16 5.16 16.48
N LEU A 203 1.23 5.02 17.80
CA LEU A 203 2.28 4.28 18.50
C LEU A 203 1.89 2.99 19.16
N ARG A 204 0.64 2.72 19.49
CA ARG A 204 0.32 1.46 20.11
C ARG A 204 0.25 0.42 18.99
N SER A 205 0.44 -0.84 19.34
CA SER A 205 0.38 -1.91 18.33
C SER A 205 -1.05 -2.12 17.87
N PHE A 206 -1.27 -2.72 16.69
CA PHE A 206 -2.64 -2.94 16.26
C PHE A 206 -3.45 -3.75 17.24
N PRO A 207 -2.96 -4.87 17.73
CA PRO A 207 -3.69 -5.71 18.68
C PRO A 207 -4.01 -4.95 19.97
N GLN A 208 -3.13 -4.09 20.44
CA GLN A 208 -3.30 -3.28 21.63
C GLN A 208 -4.47 -2.31 21.37
N LEU A 209 -4.43 -1.62 20.22
CA LEU A 209 -5.47 -0.68 19.83
C LEU A 209 -6.82 -1.37 19.70
N LYS A 210 -6.84 -2.60 19.21
CA LYS A 210 -8.13 -3.27 19.08
C LYS A 210 -8.79 -3.33 20.45
N LEU A 211 -8.00 -3.68 21.44
CA LEU A 211 -8.47 -3.80 22.83
C LEU A 211 -8.92 -2.44 23.37
N THR A 212 -8.16 -1.42 23.01
CA THR A 212 -8.39 -0.03 23.39
C THR A 212 -9.73 0.43 22.81
N PHE A 213 -9.98 0.09 21.56
CA PHE A 213 -11.25 0.51 20.96
C PHE A 213 -12.41 -0.17 21.67
N ASP A 214 -12.21 -1.40 22.15
CA ASP A 214 -13.25 -2.14 22.86
C ASP A 214 -13.52 -1.42 24.19
N GLU A 215 -12.45 -1.08 24.91
CA GLU A 215 -12.59 -0.38 26.17
C GLU A 215 -13.18 1.02 25.95
N TYR A 216 -12.83 1.71 24.88
CA TYR A 216 -13.33 3.03 24.56
C TYR A 216 -14.85 2.97 24.45
N ARG A 217 -15.37 2.00 23.70
CA ARG A 217 -16.79 1.83 23.52
C ARG A 217 -17.54 1.64 24.85
N ASN A 218 -16.99 0.94 25.83
CA ASN A 218 -17.60 0.70 27.12
C ASN A 218 -17.70 1.95 28.01
N ILE A 219 -16.71 2.82 27.91
CA ILE A 219 -16.62 4.05 28.65
C ILE A 219 -17.47 5.14 28.02
N SER A 220 -17.37 5.27 26.71
CA SER A 220 -18.10 6.30 25.98
C SER A 220 -19.48 5.96 25.47
N GLN A 221 -19.91 4.73 25.38
CA GLN A 221 -21.23 4.35 24.88
C GLN A 221 -21.33 4.58 23.38
N LYS A 222 -20.14 4.70 22.80
CA LYS A 222 -20.01 4.90 21.36
C LYS A 222 -18.65 4.40 20.85
N ASP A 223 -18.58 4.20 19.54
CA ASP A 223 -17.36 3.74 18.92
C ASP A 223 -16.36 4.86 18.74
N ILE A 224 -15.08 4.55 18.76
CA ILE A 224 -14.01 5.51 18.59
C ILE A 224 -14.23 6.25 17.28
N VAL A 225 -14.77 5.59 16.27
CA VAL A 225 -15.05 6.20 14.95
C VAL A 225 -16.01 7.39 15.08
N ASP A 226 -17.06 7.26 15.86
CA ASP A 226 -18.02 8.35 16.06
C ASP A 226 -17.36 9.54 16.77
N SER A 227 -16.45 9.31 17.71
CA SER A 227 -15.76 10.39 18.43
C SER A 227 -14.81 11.11 17.48
N ILE A 228 -14.10 10.33 16.64
CA ILE A 228 -13.16 10.93 15.68
C ILE A 228 -13.93 11.84 14.72
N LYS A 229 -15.10 11.38 14.30
CA LYS A 229 -15.94 12.15 13.39
C LYS A 229 -16.54 13.37 14.12
N GLY A 230 -16.82 13.27 15.41
CA GLY A 230 -17.42 14.48 15.95
C GLY A 230 -16.37 15.44 16.47
N GLU A 231 -15.15 14.96 16.69
CA GLU A 231 -14.08 15.78 17.24
C GLU A 231 -13.15 16.38 16.20
N LEU A 232 -12.82 15.63 15.17
CA LEU A 232 -11.86 16.11 14.18
C LEU A 232 -12.49 16.33 12.82
N SER A 233 -11.68 16.80 11.88
CA SER A 233 -12.15 17.09 10.53
C SER A 233 -10.99 17.08 9.54
N GLY A 234 -11.22 17.26 8.25
CA GLY A 234 -10.16 17.36 7.26
C GLY A 234 -9.38 16.06 7.08
N HIS A 235 -8.17 16.16 6.55
CA HIS A 235 -7.30 15.02 6.31
C HIS A 235 -6.86 14.36 7.61
N PHE A 236 -6.74 15.09 8.71
CA PHE A 236 -6.37 14.50 9.99
C PHE A 236 -7.42 13.48 10.38
N GLU A 237 -8.71 13.82 10.26
CA GLU A 237 -9.80 12.91 10.57
C GLU A 237 -9.70 11.68 9.65
N ASP A 238 -9.50 11.87 8.36
CA ASP A 238 -9.38 10.74 7.42
C ASP A 238 -8.23 9.79 7.81
N LEU A 239 -7.11 10.38 8.15
CA LEU A 239 -5.94 9.61 8.58
C LEU A 239 -6.30 8.74 9.78
N LEU A 240 -6.86 9.34 10.85
CA LEU A 240 -7.24 8.60 12.04
C LEU A 240 -8.28 7.53 11.73
N LEU A 241 -9.26 7.77 10.88
CA LEU A 241 -10.26 6.75 10.55
C LEU A 241 -9.57 5.59 9.78
N ALA A 242 -8.60 5.91 8.93
CA ALA A 242 -7.87 4.89 8.18
C ALA A 242 -7.13 3.99 9.18
N ILE A 243 -6.51 4.59 10.20
CA ILE A 243 -5.81 3.82 11.23
C ILE A 243 -6.78 2.88 11.93
N VAL A 244 -7.93 3.36 12.40
CA VAL A 244 -8.93 2.54 13.06
C VAL A 244 -9.38 1.40 12.13
N ASN A 245 -9.63 1.73 10.85
CA ASN A 245 -10.07 0.71 9.89
C ASN A 245 -8.99 -0.36 9.67
N CYS A 246 -7.74 0.04 9.59
CA CYS A 246 -6.62 -0.87 9.40
C CYS A 246 -6.39 -1.70 10.66
N VAL A 247 -6.66 -1.13 11.85
CA VAL A 247 -6.50 -1.85 13.10
C VAL A 247 -7.51 -2.99 13.12
N ARG A 248 -8.74 -2.80 12.68
CA ARG A 248 -9.77 -3.81 12.65
C ARG A 248 -9.66 -4.76 11.45
N ASN A 249 -9.28 -4.28 10.27
CA ASN A 249 -9.19 -5.16 9.10
C ASN A 249 -8.52 -4.44 7.96
N THR A 250 -7.22 -4.60 7.82
CA THR A 250 -6.43 -3.95 6.76
C THR A 250 -6.92 -4.32 5.37
N PRO A 251 -7.06 -5.59 5.05
CA PRO A 251 -7.53 -6.04 3.73
C PRO A 251 -8.89 -5.45 3.36
N ALA A 252 -9.81 -5.29 4.32
CA ALA A 252 -11.11 -4.70 4.00
C ALA A 252 -10.91 -3.22 3.67
N PHE A 253 -9.97 -2.54 4.31
CA PHE A 253 -9.72 -1.13 4.02
C PHE A 253 -9.18 -0.97 2.59
N LEU A 254 -8.26 -1.88 2.25
CA LEU A 254 -7.64 -1.89 0.91
C LEU A 254 -8.69 -2.32 -0.11
N ALA A 255 -9.58 -3.25 0.20
CA ALA A 255 -10.62 -3.69 -0.70
C ALA A 255 -11.52 -2.47 -0.99
N GLU A 256 -11.78 -1.66 0.05
CA GLU A 256 -12.63 -0.47 -0.14
C GLU A 256 -11.89 0.52 -1.05
N ARG A 257 -10.58 0.61 -0.88
CA ARG A 257 -9.80 1.52 -1.72
C ARG A 257 -9.84 0.99 -3.16
N LEU A 258 -9.79 -0.30 -3.41
CA LEU A 258 -9.83 -0.85 -4.76
C LEU A 258 -11.21 -0.56 -5.36
N HIS A 259 -12.24 -0.74 -4.55
CA HIS A 259 -13.62 -0.50 -4.96
C HIS A 259 -13.82 0.93 -5.44
N ARG A 260 -13.35 1.92 -4.74
CA ARG A 260 -13.45 3.33 -5.06
C ARG A 260 -12.68 3.71 -6.30
N ALA A 261 -11.56 3.04 -6.56
CA ALA A 261 -10.70 3.28 -7.70
C ALA A 261 -11.33 2.70 -8.96
N LEU A 262 -12.14 1.66 -8.81
CA LEU A 262 -12.77 1.05 -9.97
C LEU A 262 -14.10 1.67 -10.33
N LYS A 263 -14.75 2.53 -9.56
CA LYS A 263 -16.05 3.05 -10.06
C LYS A 263 -16.05 4.58 -10.12
N GLY A 264 -17.18 5.17 -10.51
CA GLY A 264 -17.31 6.60 -10.61
C GLY A 264 -16.97 7.36 -11.87
N ILE A 265 -16.52 8.58 -11.61
CA ILE A 265 -16.12 9.57 -12.59
C ILE A 265 -15.16 8.99 -13.63
N GLY A 266 -14.33 8.05 -13.18
CA GLY A 266 -13.35 7.40 -14.04
C GLY A 266 -12.45 6.48 -13.20
N THR A 267 -11.77 5.55 -13.85
CA THR A 267 -10.89 4.63 -13.14
C THR A 267 -9.64 5.32 -12.63
N ASP A 268 -9.25 4.96 -11.39
CA ASP A 268 -8.05 5.51 -10.78
C ASP A 268 -6.96 4.45 -10.98
N GLU A 269 -6.30 4.45 -12.12
CA GLU A 269 -5.26 3.46 -12.41
C GLU A 269 -4.09 3.54 -11.46
N PHE A 270 -3.70 4.70 -10.95
CA PHE A 270 -2.57 4.81 -10.04
C PHE A 270 -2.79 4.05 -8.74
N THR A 271 -3.97 4.15 -8.17
CA THR A 271 -4.29 3.44 -6.95
C THR A 271 -4.39 1.93 -7.19
N LEU A 272 -5.05 1.58 -8.30
CA LEU A 272 -5.26 0.17 -8.66
C LEU A 272 -3.91 -0.52 -8.81
N ASN A 273 -3.01 0.14 -9.52
CA ASN A 273 -1.67 -0.38 -9.75
C ASN A 273 -0.91 -0.50 -8.42
N ARG A 274 -0.97 0.53 -7.59
CA ARG A 274 -0.27 0.50 -6.32
C ARG A 274 -0.76 -0.64 -5.41
N ILE A 275 -2.06 -0.80 -5.21
CA ILE A 275 -2.58 -1.85 -4.37
C ILE A 275 -2.36 -3.24 -4.97
N MET A 276 -2.68 -3.43 -6.25
CA MET A 276 -2.49 -4.74 -6.87
C MET A 276 -1.04 -5.22 -6.77
N VAL A 277 -0.09 -4.36 -7.12
CA VAL A 277 1.32 -4.69 -7.06
C VAL A 277 1.85 -4.78 -5.64
N SER A 278 1.69 -3.73 -4.83
CA SER A 278 2.21 -3.74 -3.48
C SER A 278 1.64 -4.78 -2.55
N ARG A 279 0.44 -5.31 -2.71
CA ARG A 279 -0.12 -6.30 -1.84
C ARG A 279 -0.13 -7.69 -2.47
N SER A 280 0.31 -7.82 -3.72
CA SER A 280 0.31 -9.11 -4.37
C SER A 280 1.06 -10.20 -3.61
N GLU A 281 2.13 -9.88 -2.88
CA GLU A 281 2.85 -10.94 -2.17
C GLU A 281 2.61 -10.87 -0.66
N ILE A 282 1.63 -10.04 -0.26
CA ILE A 282 1.33 -9.92 1.15
C ILE A 282 -0.05 -10.41 1.54
N ASP A 283 -1.10 -9.73 1.10
CA ASP A 283 -2.46 -10.11 1.45
C ASP A 283 -3.51 -9.92 0.38
N LEU A 284 -3.17 -9.89 -0.88
CA LEU A 284 -4.18 -9.73 -1.92
C LEU A 284 -5.26 -10.78 -1.85
N LEU A 285 -4.92 -12.00 -1.37
CA LEU A 285 -5.93 -13.04 -1.24
C LEU A 285 -7.02 -12.63 -0.23
N ASP A 286 -6.62 -12.05 0.90
CA ASP A 286 -7.56 -11.59 1.91
C ASP A 286 -8.32 -10.37 1.37
N ILE A 287 -7.69 -9.52 0.59
CA ILE A 287 -8.29 -8.34 -0.03
C ILE A 287 -9.39 -8.88 -0.94
N ARG A 288 -9.08 -9.90 -1.73
CA ARG A 288 -10.10 -10.48 -2.58
C ARG A 288 -11.28 -10.99 -1.78
N THR A 289 -11.03 -11.68 -0.67
CA THR A 289 -12.12 -12.21 0.15
C THR A 289 -13.03 -11.11 0.71
N GLU A 290 -12.45 -10.05 1.22
CA GLU A 290 -13.19 -8.93 1.80
C GLU A 290 -13.95 -8.20 0.71
N PHE A 291 -13.32 -7.99 -0.43
CA PHE A 291 -13.97 -7.31 -1.54
C PHE A 291 -15.26 -8.04 -1.87
N LYS A 292 -15.24 -9.37 -1.99
CA LYS A 292 -16.44 -10.13 -2.31
C LYS A 292 -17.45 -10.09 -1.16
N LYS A 293 -16.96 -10.15 0.08
CA LYS A 293 -17.82 -10.14 1.28
C LYS A 293 -18.61 -8.83 1.35
N HIS A 294 -17.94 -7.71 1.13
CA HIS A 294 -18.53 -6.40 1.15
C HIS A 294 -19.39 -6.00 -0.05
N TYR A 295 -18.92 -6.30 -1.27
CA TYR A 295 -19.63 -5.90 -2.48
C TYR A 295 -20.49 -6.91 -3.18
N GLY A 296 -20.34 -8.20 -2.97
CA GLY A 296 -21.18 -9.19 -3.61
C GLY A 296 -20.75 -9.67 -4.99
N TYR A 297 -19.57 -9.25 -5.41
CA TYR A 297 -18.99 -9.63 -6.70
C TYR A 297 -17.48 -9.73 -6.46
N SER A 298 -16.73 -10.55 -7.20
CA SER A 298 -15.29 -10.67 -7.00
C SER A 298 -14.47 -9.53 -7.55
N LEU A 299 -13.22 -9.38 -7.09
CA LEU A 299 -12.31 -8.35 -7.53
C LEU A 299 -11.99 -8.61 -9.01
N TYR A 300 -11.93 -9.84 -9.34
CA TYR A 300 -11.66 -10.34 -10.69
C TYR A 300 -12.70 -9.81 -11.67
N SER A 301 -13.98 -10.00 -11.38
CA SER A 301 -15.03 -9.53 -12.27
C SER A 301 -15.07 -7.99 -12.26
N ALA A 302 -14.66 -7.39 -11.15
CA ALA A 302 -14.64 -5.94 -11.03
C ALA A 302 -13.59 -5.34 -11.97
N ILE A 303 -12.42 -6.03 -12.02
CA ILE A 303 -11.34 -5.60 -12.91
C ILE A 303 -11.77 -5.84 -14.35
N LYS A 304 -12.41 -6.95 -14.67
CA LYS A 304 -12.88 -7.26 -16.00
C LYS A 304 -13.87 -6.24 -16.55
N SER A 305 -14.75 -5.70 -15.68
CA SER A 305 -15.72 -4.73 -16.17
C SER A 305 -15.23 -3.30 -16.33
N ASP A 306 -14.17 -2.84 -15.67
CA ASP A 306 -13.71 -1.47 -15.82
C ASP A 306 -12.35 -1.31 -16.48
N THR A 307 -11.73 -2.40 -16.94
CA THR A 307 -10.44 -2.26 -17.59
C THR A 307 -10.45 -3.14 -18.86
N SER A 308 -9.49 -2.86 -19.74
CA SER A 308 -9.43 -3.65 -20.96
C SER A 308 -8.00 -3.77 -21.48
N GLY A 309 -7.84 -4.54 -22.54
CA GLY A 309 -6.55 -4.73 -23.17
C GLY A 309 -5.47 -5.47 -22.38
N ASP A 310 -4.22 -5.13 -22.69
CA ASP A 310 -3.09 -5.75 -22.02
C ASP A 310 -3.10 -5.41 -20.52
N TYR A 311 -3.52 -4.18 -20.22
CA TYR A 311 -3.60 -3.70 -18.85
C TYR A 311 -4.52 -4.62 -18.03
N GLU A 312 -5.71 -4.90 -18.55
CA GLU A 312 -6.65 -5.78 -17.91
C GLU A 312 -6.09 -7.17 -17.70
N ILE A 313 -5.42 -7.76 -18.69
CA ILE A 313 -4.87 -9.13 -18.51
C ILE A 313 -3.83 -9.21 -17.40
N THR A 314 -2.94 -8.24 -17.36
CA THR A 314 -1.88 -8.18 -16.33
C THR A 314 -2.55 -8.08 -14.97
N LEU A 315 -3.55 -7.22 -14.75
CA LEU A 315 -4.20 -7.12 -13.45
C LEU A 315 -4.93 -8.40 -13.08
N LEU A 316 -5.56 -9.07 -14.06
CA LEU A 316 -6.28 -10.30 -13.81
C LEU A 316 -5.26 -11.38 -13.44
N LYS A 317 -4.08 -11.37 -14.06
CA LYS A 317 -3.06 -12.37 -13.72
C LYS A 317 -2.55 -12.11 -12.31
N ILE A 318 -2.38 -10.85 -11.92
CA ILE A 318 -1.92 -10.52 -10.56
C ILE A 318 -2.99 -10.94 -9.54
N CYS A 319 -4.25 -10.64 -9.87
CA CYS A 319 -5.38 -10.98 -9.04
C CYS A 319 -5.36 -12.47 -8.68
N GLY A 320 -4.90 -13.30 -9.61
CA GLY A 320 -4.74 -14.72 -9.54
C GLY A 320 -5.91 -15.66 -9.60
N GLY A 321 -7.14 -15.15 -9.69
CA GLY A 321 -8.28 -16.06 -9.72
C GLY A 321 -9.57 -15.33 -9.39
N ASP A 322 -10.66 -16.07 -9.52
CA ASP A 322 -12.00 -15.57 -9.25
C ASP A 322 -12.47 -16.07 -7.89
N ASP A 323 -13.39 -15.36 -7.23
CA ASP A 323 -13.89 -15.73 -5.93
C ASP A 323 -15.39 -16.01 -5.89
CA CA B . 9.98 -3.22 -29.90
CA CA C . -14.31 17.81 22.52
CA CA D . -15.98 15.44 10.95
CA CA E . -6.79 21.88 19.90
CA CA F . 3.30 18.78 -4.28
S SO4 G . 9.28 0.68 -31.53
O1 SO4 G . 8.14 1.63 -31.56
O2 SO4 G . 8.99 -0.55 -32.32
O3 SO4 G . 9.46 0.24 -30.09
O4 SO4 G . 10.53 1.34 -32.02
CA ETA H . -9.86 23.00 20.36
N ETA H . -9.22 23.61 21.56
N ETA H . -9.07 21.98 19.60
C ETA H . -10.48 24.04 19.47
O ETA H . -9.94 25.31 19.79
#